data_3E9K
#
_entry.id   3E9K
#
_cell.length_a   74.444
_cell.length_b   77.124
_cell.length_c   94.558
_cell.angle_alpha   90.00
_cell.angle_beta   109.35
_cell.angle_gamma   90.00
#
_symmetry.space_group_name_H-M   'C 1 2 1'
#
loop_
_entity.id
_entity.type
_entity.pdbx_description
1 polymer Kynureninase
2 non-polymer "PYRIDOXAL-5'-PHOSPHATE"
3 non-polymer '3-Hydroxyhippuric acid'
4 water water
#
_entity_poly.entity_id   1
_entity_poly.type   'polypeptide(L)'
_entity_poly.pdbx_seq_one_letter_code
;MEPSSLELPADTVQRIAAELKCHPTDERVALHLDEEDKLRHFRE(CSX)FYIPKIQDLPPVDLSLVNKDENAIYFLGNSL
GLQPKMVKTYLEEELDKWAKIAAYGHEVGKRPWITGDESIVGLMKDIVGANEKEIALMNALTVNLHLLMLSFFKPTPKRY
KILLEAKAFPSDHYAIESQLQLHGLNIEESMRMIKPREGEETLRIEDILEVIEKEGDSIAVILFSGVHFYTGQHFNIPAI
TKAGQAKGCYVGFDLAHAVGNVELYLHDWGVDFACWCSYKYLNAGAGGIAGAFIHEKHAHTIKPALVGWFGHELSTRFKM
DNKLQLIPGVCGFRISNPPILLVCSLHASLEIFKQATMKALRKKSVLLTGYLEYLIKHNYGKDKAATKKPVVNIITPSHV
EERGCQLTITFSVPNKDVFQELEKRGVVCDKRNPNGIRVAPVPLYNSFHDVYKFTNLLTSILDSAETKN
;
_entity_poly.pdbx_strand_id   A
#
loop_
_chem_comp.id
_chem_comp.type
_chem_comp.name
_chem_comp.formula
PLP non-polymer PYRIDOXAL-5'-PHOSPHATE 'C8 H10 N O6 P'
#
# COMPACT_ATOMS: atom_id res chain seq x y z
N LEU A 6 -0.63 -23.91 -11.75
CA LEU A 6 0.42 -22.87 -11.73
C LEU A 6 1.50 -23.19 -10.68
N GLU A 7 2.75 -23.28 -11.15
CA GLU A 7 3.91 -23.62 -10.34
C GLU A 7 4.09 -22.68 -9.14
N LEU A 8 4.24 -23.24 -7.95
CA LEU A 8 4.51 -22.46 -6.74
C LEU A 8 5.97 -21.99 -6.75
N PRO A 9 6.26 -20.84 -6.09
CA PRO A 9 7.63 -20.32 -6.07
C PRO A 9 8.70 -21.33 -5.65
N ALA A 10 8.45 -22.08 -4.57
CA ALA A 10 9.40 -23.09 -4.08
C ALA A 10 9.74 -24.10 -5.18
N ASP A 11 8.73 -24.45 -5.97
CA ASP A 11 8.90 -25.43 -7.04
C ASP A 11 9.65 -24.85 -8.24
N THR A 12 9.41 -23.57 -8.53
CA THR A 12 10.17 -22.86 -9.56
C THR A 12 11.66 -22.81 -9.20
N VAL A 13 11.97 -22.45 -7.95
CA VAL A 13 13.35 -22.36 -7.46
C VAL A 13 14.07 -23.70 -7.59
N GLN A 14 13.42 -24.75 -7.10
CA GLN A 14 14.01 -26.10 -7.16
C GLN A 14 14.22 -26.59 -8.59
N ARG A 15 13.25 -26.32 -9.47
CA ARG A 15 13.36 -26.67 -10.89
C ARG A 15 14.50 -25.91 -11.59
N ILE A 16 14.59 -24.61 -11.35
CA ILE A 16 15.67 -23.80 -11.89
C ILE A 16 17.04 -24.30 -11.44
N ALA A 17 17.17 -24.59 -10.14
CA ALA A 17 18.39 -25.16 -9.58
C ALA A 17 18.78 -26.48 -10.27
N ALA A 18 17.80 -27.35 -10.53
CA ALA A 18 18.04 -28.60 -11.24
C ALA A 18 18.61 -28.33 -12.63
N GLU A 19 17.96 -27.41 -13.35
CA GLU A 19 18.39 -27.00 -14.69
C GLU A 19 19.82 -26.46 -14.67
N LEU A 20 20.15 -25.66 -13.65
CA LEU A 20 21.47 -25.06 -13.50
C LEU A 20 22.52 -26.02 -12.95
N LYS A 21 22.06 -27.18 -12.47
CA LYS A 21 22.90 -28.20 -11.80
C LYS A 21 23.54 -27.64 -10.53
N CYS A 22 22.73 -26.97 -9.71
CA CYS A 22 23.18 -26.48 -8.41
C CYS A 22 22.14 -26.72 -7.33
N HIS A 23 22.51 -26.47 -6.08
CA HIS A 23 21.55 -26.57 -4.97
C HIS A 23 20.61 -25.35 -5.03
N PRO A 24 19.32 -25.54 -4.69
CA PRO A 24 18.37 -24.40 -4.69
C PRO A 24 18.83 -23.17 -3.89
N THR A 25 19.75 -23.37 -2.95
CA THR A 25 20.25 -22.25 -2.12
C THR A 25 21.48 -21.55 -2.73
N ASP A 26 21.90 -21.97 -3.92
CA ASP A 26 23.08 -21.40 -4.58
C ASP A 26 22.80 -19.99 -5.12
N GLU A 27 23.81 -19.13 -5.02
CA GLU A 27 23.74 -17.77 -5.57
C GLU A 27 23.35 -17.75 -7.04
N ARG A 28 23.79 -18.76 -7.78
CA ARG A 28 23.51 -18.85 -9.21
C ARG A 28 22.01 -18.87 -9.53
N VAL A 29 21.21 -19.41 -8.61
CA VAL A 29 19.76 -19.44 -8.75
C VAL A 29 19.22 -17.99 -8.77
N ALA A 30 19.69 -17.18 -7.83
CA ALA A 30 19.28 -15.77 -7.76
C ALA A 30 19.72 -15.00 -9.00
N LEU A 31 20.96 -15.20 -9.42
CA LEU A 31 21.49 -14.55 -10.61
C LEU A 31 20.68 -14.91 -11.87
N HIS A 32 20.29 -16.17 -11.98
CA HIS A 32 19.48 -16.64 -13.11
C HIS A 32 18.08 -16.00 -13.11
N LEU A 33 17.42 -15.99 -11.95
CA LEU A 33 16.09 -15.39 -11.86
C LEU A 33 16.13 -13.91 -12.25
N ASP A 34 17.23 -13.23 -11.88
CA ASP A 34 17.41 -11.84 -12.27
C ASP A 34 17.63 -11.69 -13.78
N GLU A 35 18.37 -12.63 -14.38
CA GLU A 35 18.58 -12.63 -15.83
C GLU A 35 17.26 -12.83 -16.58
N GLU A 36 16.37 -13.63 -16.00
CA GLU A 36 15.09 -13.96 -16.61
C GLU A 36 13.98 -12.99 -16.24
N ASP A 37 14.30 -12.01 -15.39
CA ASP A 37 13.33 -11.03 -14.92
C ASP A 37 13.10 -9.96 -16.01
N LYS A 38 11.94 -10.02 -16.64
CA LYS A 38 11.59 -9.05 -17.71
C LYS A 38 11.44 -7.61 -17.20
N LEU A 39 11.32 -7.47 -15.88
CA LEU A 39 11.20 -6.16 -15.23
C LEU A 39 12.52 -5.64 -14.67
N ARG A 40 13.59 -6.37 -14.92
CA ARG A 40 14.92 -6.04 -14.41
C ARG A 40 15.34 -4.59 -14.67
N HIS A 41 15.04 -4.08 -15.87
CA HIS A 41 15.48 -2.75 -16.28
C HIS A 41 14.86 -1.61 -15.45
N PHE A 42 13.71 -1.88 -14.84
CA PHE A 42 13.03 -0.86 -14.03
C PHE A 42 13.83 -0.44 -12.80
N ARG A 43 14.75 -1.29 -12.36
CA ARG A 43 15.63 -0.96 -11.23
C ARG A 43 16.42 0.32 -11.52
N GLU A 44 16.75 0.55 -12.80
CA GLU A 44 17.52 1.72 -13.22
C GLU A 44 16.69 3.01 -13.20
N CSX A 45 15.38 2.89 -13.00
CA CSX A 45 14.49 4.06 -12.96
CB CSX A 45 13.06 3.67 -13.32
SG CSX A 45 12.92 3.09 -15.13
C CSX A 45 14.44 4.72 -11.60
O CSX A 45 13.76 5.74 -11.43
OD CSX A 45 13.43 4.53 -16.15
N PHE A 46 15.17 4.16 -10.62
CA PHE A 46 15.09 4.61 -9.22
C PHE A 46 16.44 4.96 -8.64
N TYR A 47 16.45 5.94 -7.73
CA TYR A 47 17.65 6.24 -6.95
C TYR A 47 17.75 5.27 -5.76
N ILE A 48 18.67 4.32 -5.88
CA ILE A 48 18.89 3.36 -4.80
C ILE A 48 20.04 3.85 -3.92
N PRO A 49 19.81 3.99 -2.61
CA PRO A 49 20.87 4.43 -1.70
C PRO A 49 22.09 3.52 -1.72
N LYS A 50 23.26 4.12 -1.53
CA LYS A 50 24.51 3.35 -1.37
C LYS A 50 24.70 3.00 0.11
N ILE A 51 25.23 1.81 0.39
CA ILE A 51 25.38 1.35 1.78
C ILE A 51 26.14 2.33 2.67
N GLN A 52 27.24 2.88 2.15
CA GLN A 52 28.08 3.78 2.94
C GLN A 52 27.37 5.06 3.40
N ASP A 53 26.24 5.38 2.79
CA ASP A 53 25.53 6.62 3.06
C ASP A 53 24.44 6.51 4.14
N LEU A 54 24.15 5.28 4.56
CA LEU A 54 23.05 5.04 5.51
C LEU A 54 23.48 5.32 6.94
N PRO A 55 22.70 6.15 7.67
CA PRO A 55 23.07 6.56 9.04
C PRO A 55 23.52 5.44 10.00
N PRO A 56 22.81 4.29 10.08
CA PRO A 56 23.23 3.31 11.10
C PRO A 56 24.32 2.32 10.65
N VAL A 57 24.80 2.45 9.42
CA VAL A 57 25.78 1.51 8.87
C VAL A 57 27.12 1.54 9.60
N ASP A 58 27.67 0.35 9.86
CA ASP A 58 29.03 0.18 10.35
C ASP A 58 29.91 -0.08 9.15
N LEU A 59 30.70 0.92 8.76
CA LEU A 59 31.54 0.84 7.56
C LEU A 59 32.51 -0.35 7.54
N SER A 60 32.85 -0.86 8.72
CA SER A 60 33.82 -1.95 8.85
C SER A 60 33.21 -3.32 8.55
N LEU A 61 31.88 -3.35 8.41
CA LEU A 61 31.15 -4.60 8.15
C LEU A 61 30.66 -4.68 6.69
N VAL A 62 30.86 -3.60 5.93
CA VAL A 62 30.29 -3.51 4.57
C VAL A 62 31.32 -3.17 3.49
N ASN A 63 30.94 -3.46 2.24
CA ASN A 63 31.72 -3.08 1.07
C ASN A 63 31.22 -1.76 0.50
N LYS A 64 32.09 -0.75 0.49
CA LYS A 64 31.75 0.58 -0.02
C LYS A 64 31.33 0.51 -1.49
N ASP A 65 30.43 1.40 -1.87
CA ASP A 65 29.93 1.53 -3.25
C ASP A 65 28.95 0.43 -3.66
N GLU A 66 28.66 -0.51 -2.77
CA GLU A 66 27.56 -1.44 -2.98
C GLU A 66 26.25 -0.73 -2.69
N ASN A 67 25.20 -1.09 -3.42
CA ASN A 67 23.85 -0.58 -3.11
C ASN A 67 23.35 -1.15 -1.79
N ALA A 68 22.56 -0.35 -1.07
CA ALA A 68 21.83 -0.83 0.10
C ALA A 68 20.91 -1.98 -0.32
N ILE A 69 20.51 -2.80 0.64
CA ILE A 69 19.44 -3.76 0.42
C ILE A 69 18.20 -3.10 1.02
N TYR A 70 17.45 -2.41 0.16
CA TYR A 70 16.34 -1.60 0.61
C TYR A 70 15.04 -2.37 0.56
N PHE A 71 14.60 -2.80 1.74
CA PHE A 71 13.40 -3.63 1.87
C PHE A 71 12.31 -2.87 2.64
N LEU A 72 12.34 -1.55 2.56
CA LEU A 72 11.38 -0.69 3.26
C LEU A 72 10.51 0.09 2.26
N GLY A 73 10.43 -0.42 1.03
CA GLY A 73 9.59 0.17 -0.02
C GLY A 73 8.10 0.10 0.26
N ASN A 74 7.73 -0.64 1.30
CA ASN A 74 6.34 -0.70 1.78
C ASN A 74 6.01 0.45 2.74
N SER A 75 7.04 1.21 3.12
CA SER A 75 6.89 2.32 4.08
C SER A 75 7.25 3.66 3.45
N LEU A 76 8.41 3.70 2.79
CA LEU A 76 8.83 4.89 2.06
C LEU A 76 9.47 4.43 0.76
N GLY A 77 8.70 4.48 -0.33
CA GLY A 77 9.18 4.00 -1.62
C GLY A 77 10.33 4.84 -2.14
N LEU A 78 11.26 4.18 -2.83
CA LEU A 78 12.40 4.86 -3.44
C LEU A 78 11.97 5.82 -4.55
N GLN A 79 12.85 6.77 -4.84
CA GLN A 79 12.53 7.90 -5.70
C GLN A 79 12.70 7.58 -7.18
N PRO A 80 11.62 7.73 -7.96
CA PRO A 80 11.78 7.69 -9.41
C PRO A 80 12.75 8.79 -9.85
N LYS A 81 13.72 8.45 -10.69
CA LYS A 81 14.71 9.44 -11.13
C LYS A 81 14.06 10.65 -11.81
N MET A 82 12.90 10.43 -12.43
CA MET A 82 12.20 11.50 -13.17
C MET A 82 11.43 12.52 -12.33
N VAL A 83 11.35 12.30 -11.01
CA VAL A 83 10.62 13.26 -10.15
C VAL A 83 11.11 14.69 -10.36
N LYS A 84 12.43 14.90 -10.28
CA LYS A 84 13.01 16.24 -10.47
C LYS A 84 12.59 16.84 -11.82
N THR A 85 12.69 16.04 -12.88
CA THR A 85 12.34 16.50 -14.23
C THR A 85 10.88 16.97 -14.30
N TYR A 86 9.98 16.19 -13.70
CA TYR A 86 8.56 16.54 -13.69
C TYR A 86 8.29 17.81 -12.87
N LEU A 87 8.90 17.91 -11.70
CA LEU A 87 8.83 19.15 -10.93
C LEU A 87 9.33 20.36 -11.73
N GLU A 88 10.48 20.20 -12.39
CA GLU A 88 11.06 21.27 -13.20
C GLU A 88 10.11 21.76 -14.28
N GLU A 89 9.31 20.87 -14.86
CA GLU A 89 8.34 21.27 -15.88
C GLU A 89 7.35 22.30 -15.32
N GLU A 90 6.88 22.04 -14.10
CA GLU A 90 5.91 22.93 -13.46
C GLU A 90 6.55 24.19 -12.88
N LEU A 91 7.74 24.07 -12.29
CA LEU A 91 8.46 25.26 -11.84
C LEU A 91 8.77 26.17 -13.02
N ASP A 92 9.14 25.58 -14.15
CA ASP A 92 9.47 26.36 -15.34
C ASP A 92 8.24 27.10 -15.86
N LYS A 93 7.09 26.43 -15.85
CA LYS A 93 5.83 27.08 -16.23
C LYS A 93 5.46 28.21 -15.27
N TRP A 94 5.57 27.94 -13.97
CA TRP A 94 5.31 28.94 -12.94
C TRP A 94 6.21 30.17 -13.14
N ALA A 95 7.49 29.93 -13.44
CA ALA A 95 8.43 31.02 -13.73
C ALA A 95 8.09 31.79 -15.00
N LYS A 96 7.63 31.08 -16.03
CA LYS A 96 7.46 31.65 -17.36
C LYS A 96 6.14 32.37 -17.55
N ILE A 97 5.06 31.80 -17.03
CA ILE A 97 3.72 32.36 -17.25
C ILE A 97 2.87 32.52 -15.97
N ALA A 98 3.42 32.12 -14.83
CA ALA A 98 2.76 32.31 -13.53
C ALA A 98 1.29 31.87 -13.55
N ALA A 99 0.37 32.80 -13.23
CA ALA A 99 -1.06 32.47 -13.07
C ALA A 99 -1.66 31.74 -14.29
N TYR A 100 -1.13 32.02 -15.47
CA TYR A 100 -1.66 31.37 -16.68
C TYR A 100 -1.50 29.85 -16.66
N GLY A 101 -0.57 29.37 -15.83
CA GLY A 101 -0.33 27.92 -15.68
C GLY A 101 -1.52 27.13 -15.12
N HIS A 102 -2.49 27.84 -14.54
CA HIS A 102 -3.73 27.21 -14.07
C HIS A 102 -4.52 26.59 -15.22
N GLU A 103 -4.36 27.13 -16.43
CA GLU A 103 -5.24 26.74 -17.54
C GLU A 103 -4.51 26.07 -18.71
N VAL A 104 -3.19 26.16 -18.72
CA VAL A 104 -2.43 25.65 -19.88
C VAL A 104 -1.31 24.68 -19.49
N GLY A 105 -0.85 23.93 -20.47
CA GLY A 105 0.28 23.01 -20.29
C GLY A 105 -0.12 21.56 -20.19
N LYS A 106 0.87 20.71 -19.96
CA LYS A 106 0.68 19.27 -19.76
C LYS A 106 -0.18 18.98 -18.53
N ARG A 107 -0.01 19.81 -17.50
CA ARG A 107 -0.75 19.68 -16.25
C ARG A 107 -1.31 21.04 -15.85
N PRO A 108 -2.41 21.47 -16.49
CA PRO A 108 -3.02 22.72 -16.08
C PRO A 108 -3.34 22.61 -14.60
N TRP A 109 -2.94 23.59 -13.80
CA TRP A 109 -3.00 23.38 -12.35
C TRP A 109 -4.41 23.11 -11.85
N ILE A 110 -5.40 23.78 -12.43
CA ILE A 110 -6.79 23.59 -12.00
C ILE A 110 -7.19 22.11 -12.10
N THR A 111 -6.72 21.44 -13.15
CA THR A 111 -7.02 20.03 -13.36
C THR A 111 -5.80 19.12 -13.20
N GLY A 112 -4.85 19.52 -12.35
CA GLY A 112 -3.60 18.80 -12.18
C GLY A 112 -3.84 17.36 -11.76
N ASP A 113 -4.77 17.17 -10.82
CA ASP A 113 -5.13 15.84 -10.35
C ASP A 113 -5.76 14.99 -11.47
N GLU A 114 -6.73 15.56 -12.18
CA GLU A 114 -7.46 14.84 -13.22
C GLU A 114 -6.56 14.53 -14.40
N SER A 115 -5.50 15.33 -14.57
CA SER A 115 -4.57 15.14 -15.68
C SER A 115 -3.79 13.82 -15.58
N ILE A 116 -3.72 13.25 -14.38
CA ILE A 116 -2.96 12.01 -14.15
C ILE A 116 -3.77 10.84 -13.58
N VAL A 117 -5.03 11.10 -13.23
CA VAL A 117 -5.89 10.08 -12.61
C VAL A 117 -6.10 8.85 -13.51
N GLY A 118 -6.06 9.05 -14.83
CA GLY A 118 -6.13 7.94 -15.80
C GLY A 118 -5.08 6.87 -15.50
N LEU A 119 -3.92 7.32 -15.01
CA LEU A 119 -2.81 6.39 -14.70
C LEU A 119 -3.08 5.52 -13.46
N MET A 120 -4.16 5.84 -12.73
CA MET A 120 -4.54 5.06 -11.55
C MET A 120 -5.56 3.97 -11.88
N LYS A 121 -6.19 4.06 -13.04
CA LYS A 121 -7.28 3.16 -13.40
C LYS A 121 -6.94 1.68 -13.26
N ASP A 122 -5.78 1.29 -13.79
CA ASP A 122 -5.37 -0.12 -13.75
C ASP A 122 -4.84 -0.53 -12.39
N ILE A 123 -4.31 0.44 -11.64
CA ILE A 123 -3.75 0.16 -10.33
C ILE A 123 -4.82 -0.23 -9.31
N VAL A 124 -5.94 0.50 -9.30
CA VAL A 124 -7.02 0.18 -8.36
C VAL A 124 -8.21 -0.54 -9.01
N GLY A 125 -8.22 -0.62 -10.33
CA GLY A 125 -9.33 -1.26 -11.06
C GLY A 125 -10.62 -0.45 -10.91
N ALA A 126 -10.54 0.84 -11.24
CA ALA A 126 -11.72 1.71 -11.19
C ALA A 126 -11.72 2.68 -12.38
N ASN A 127 -12.86 3.30 -12.62
CA ASN A 127 -13.00 4.30 -13.69
C ASN A 127 -12.50 5.68 -13.24
N GLU A 128 -12.21 6.57 -14.19
CA GLU A 128 -11.69 7.92 -13.86
C GLU A 128 -12.64 8.72 -12.98
N LYS A 129 -13.95 8.52 -13.15
CA LYS A 129 -14.94 9.23 -12.33
C LYS A 129 -15.07 8.65 -10.92
N GLU A 130 -14.46 7.49 -10.69
CA GLU A 130 -14.53 6.83 -9.38
C GLU A 130 -13.31 7.08 -8.50
N ILE A 131 -12.31 7.78 -9.04
CA ILE A 131 -11.05 8.00 -8.33
C ILE A 131 -10.78 9.50 -8.17
N ALA A 132 -10.38 9.89 -6.96
CA ALA A 132 -9.89 11.25 -6.73
C ALA A 132 -8.50 11.20 -6.11
N LEU A 133 -7.62 12.06 -6.60
CA LEU A 133 -6.29 12.22 -6.05
C LEU A 133 -6.30 13.54 -5.28
N MET A 134 -6.18 13.45 -3.96
CA MET A 134 -6.38 14.61 -3.11
C MET A 134 -5.93 14.37 -1.68
N ASN A 135 -5.60 15.48 -1.01
CA ASN A 135 -5.35 15.51 0.43
C ASN A 135 -4.31 14.47 0.87
N ALA A 136 -4.60 13.84 2.01
CA ALA A 136 -3.77 12.82 2.64
C ALA A 136 -4.66 11.65 2.99
N LEU A 137 -4.06 10.51 3.25
CA LEU A 137 -4.83 9.27 3.43
C LEU A 137 -5.89 9.38 4.54
N THR A 138 -5.45 9.67 5.75
CA THR A 138 -6.39 9.67 6.89
C THR A 138 -7.43 10.78 6.74
N VAL A 139 -7.02 11.91 6.15
CA VAL A 139 -7.96 12.98 5.83
C VAL A 139 -9.08 12.45 4.92
N ASN A 140 -8.68 11.76 3.85
CA ASN A 140 -9.64 11.15 2.94
C ASN A 140 -10.54 10.12 3.63
N LEU A 141 -9.94 9.31 4.50
CA LEU A 141 -10.74 8.36 5.29
C LEU A 141 -11.88 9.08 6.00
N HIS A 142 -11.55 10.19 6.68
CA HIS A 142 -12.59 10.98 7.35
C HIS A 142 -13.65 11.56 6.40
N LEU A 143 -13.24 12.12 5.27
CA LEU A 143 -14.19 12.70 4.31
C LEU A 143 -15.19 11.66 3.85
N LEU A 144 -14.70 10.46 3.59
CA LEU A 144 -15.55 9.36 3.17
C LEU A 144 -16.47 8.87 4.29
N MET A 145 -15.91 8.68 5.48
CA MET A 145 -16.70 8.21 6.61
C MET A 145 -17.79 9.19 7.05
N LEU A 146 -17.55 10.49 6.87
CA LEU A 146 -18.58 11.48 7.19
C LEU A 146 -19.85 11.30 6.36
N SER A 147 -19.70 10.71 5.17
CA SER A 147 -20.84 10.43 4.29
C SER A 147 -21.37 8.99 4.38
N PHE A 148 -20.46 8.02 4.54
CA PHE A 148 -20.85 6.61 4.58
C PHE A 148 -21.27 6.09 5.94
N PHE A 149 -20.77 6.73 7.00
CA PHE A 149 -21.14 6.31 8.35
C PHE A 149 -22.28 7.18 8.86
N LYS A 150 -23.46 6.57 8.87
CA LYS A 150 -24.71 7.23 9.24
C LYS A 150 -25.42 6.32 10.24
N PRO A 151 -24.97 6.33 11.51
CA PRO A 151 -25.51 5.37 12.49
C PRO A 151 -26.99 5.59 12.82
N THR A 152 -27.67 4.49 13.15
CA THR A 152 -29.05 4.52 13.65
C THR A 152 -29.10 3.67 14.92
N PRO A 153 -30.21 3.75 15.68
CA PRO A 153 -30.34 2.85 16.84
C PRO A 153 -30.12 1.36 16.52
N LYS A 154 -30.57 0.91 15.35
CA LYS A 154 -30.41 -0.49 14.95
C LYS A 154 -29.05 -0.84 14.36
N ARG A 155 -28.47 0.09 13.62
CA ARG A 155 -27.26 -0.16 12.84
C ARG A 155 -26.25 0.97 13.06
N TYR A 156 -25.28 0.74 13.95
CA TYR A 156 -24.41 1.82 14.43
C TYR A 156 -22.93 1.45 14.58
N LYS A 157 -22.62 0.16 14.45
CA LYS A 157 -21.24 -0.32 14.67
C LYS A 157 -20.33 -0.05 13.48
N ILE A 158 -19.04 0.08 13.76
CA ILE A 158 -18.00 0.04 12.74
C ILE A 158 -17.14 -1.19 13.01
N LEU A 159 -16.97 -2.02 11.99
CA LEU A 159 -16.19 -3.25 12.10
C LEU A 159 -14.81 -3.07 11.47
N LEU A 160 -13.77 -3.44 12.22
CA LEU A 160 -12.39 -3.33 11.75
C LEU A 160 -11.56 -4.44 12.37
N GLU A 161 -10.32 -4.60 11.94
CA GLU A 161 -9.43 -5.56 12.60
C GLU A 161 -8.92 -4.94 13.89
N ALA A 162 -8.70 -5.78 14.90
CA ALA A 162 -8.00 -5.35 16.11
C ALA A 162 -6.55 -5.04 15.74
N LYS A 163 -5.93 -4.14 16.49
CA LYS A 163 -4.56 -3.69 16.20
C LYS A 163 -4.43 -3.14 14.76
N ALA A 164 -5.45 -2.41 14.33
CA ALA A 164 -5.40 -1.66 13.07
C ALA A 164 -4.31 -0.60 13.15
N PHE A 165 -3.94 -0.04 12.00
CA PHE A 165 -2.98 1.06 12.00
C PHE A 165 -3.51 2.18 12.91
N PRO A 166 -2.63 2.81 13.72
CA PRO A 166 -3.11 3.79 14.71
C PRO A 166 -3.95 4.91 14.11
N SER A 167 -3.58 5.42 12.94
CA SER A 167 -4.34 6.55 12.36
C SER A 167 -5.79 6.17 12.09
N ASP A 168 -5.99 4.97 11.51
CA ASP A 168 -7.33 4.46 11.21
C ASP A 168 -8.12 4.22 12.50
N HIS A 169 -7.44 3.64 13.48
CA HIS A 169 -8.02 3.41 14.80
C HIS A 169 -8.53 4.73 15.38
N TYR A 170 -7.69 5.77 15.37
CA TYR A 170 -8.07 7.08 15.90
C TYR A 170 -9.18 7.73 15.09
N ALA A 171 -9.13 7.54 13.77
CA ALA A 171 -10.15 8.07 12.86
C ALA A 171 -11.51 7.46 13.18
N ILE A 172 -11.54 6.14 13.34
CA ILE A 172 -12.78 5.42 13.64
C ILE A 172 -13.31 5.83 15.02
N GLU A 173 -12.42 5.88 16.01
CA GLU A 173 -12.79 6.34 17.35
C GLU A 173 -13.39 7.74 17.32
N SER A 174 -12.76 8.66 16.59
CA SER A 174 -13.27 10.04 16.54
C SER A 174 -14.60 10.13 15.76
N GLN A 175 -14.76 9.29 14.73
CA GLN A 175 -16.03 9.21 13.99
C GLN A 175 -17.17 8.79 14.91
N LEU A 176 -16.90 7.79 15.75
CA LEU A 176 -17.93 7.30 16.69
C LEU A 176 -18.26 8.36 17.73
N GLN A 177 -17.23 9.04 18.22
CA GLN A 177 -17.39 10.10 19.22
C GLN A 177 -18.20 11.27 18.67
N LEU A 178 -18.03 11.54 17.39
CA LEU A 178 -18.79 12.57 16.68
C LEU A 178 -20.31 12.34 16.79
N HIS A 179 -20.71 11.08 16.81
CA HIS A 179 -22.13 10.69 16.92
C HIS A 179 -22.55 10.37 18.35
N GLY A 180 -21.66 10.62 19.31
CA GLY A 180 -21.95 10.36 20.72
C GLY A 180 -22.11 8.89 21.08
N LEU A 181 -21.49 8.02 20.28
CA LEU A 181 -21.61 6.58 20.46
C LEU A 181 -20.60 6.04 21.45
N ASN A 182 -21.04 5.09 22.27
CA ASN A 182 -20.17 4.37 23.18
C ASN A 182 -19.13 3.56 22.39
N ILE A 183 -17.85 3.88 22.61
CA ILE A 183 -16.76 3.28 21.85
C ILE A 183 -16.65 1.76 22.06
N GLU A 184 -16.68 1.34 23.33
CA GLU A 184 -16.54 -0.07 23.65
C GLU A 184 -17.63 -0.91 22.98
N GLU A 185 -18.84 -0.36 22.94
CA GLU A 185 -19.98 -1.06 22.36
C GLU A 185 -20.05 -0.97 20.83
N SER A 186 -19.53 0.13 20.28
CA SER A 186 -19.74 0.45 18.87
C SER A 186 -18.55 0.17 17.96
N MET A 187 -17.36 0.10 18.55
CA MET A 187 -16.13 -0.14 17.80
C MET A 187 -15.77 -1.63 17.86
N ARG A 188 -16.24 -2.38 16.87
CA ARG A 188 -16.10 -3.83 16.89
C ARG A 188 -14.78 -4.22 16.21
N MET A 189 -13.88 -4.81 16.98
CA MET A 189 -12.53 -5.10 16.50
C MET A 189 -12.26 -6.60 16.54
N ILE A 190 -11.97 -7.17 15.38
CA ILE A 190 -11.78 -8.62 15.29
C ILE A 190 -10.37 -9.02 15.74
N LYS A 191 -10.32 -9.79 16.81
CA LYS A 191 -9.07 -10.28 17.37
C LYS A 191 -8.76 -11.68 16.85
N PRO A 192 -7.46 -11.99 16.68
CA PRO A 192 -7.08 -13.35 16.26
C PRO A 192 -7.38 -14.38 17.34
N ARG A 193 -7.39 -15.65 16.95
CA ARG A 193 -7.49 -16.75 17.92
C ARG A 193 -6.24 -16.77 18.81
N GLU A 194 -6.38 -17.37 20.00
CA GLU A 194 -5.26 -17.52 20.91
C GLU A 194 -4.08 -18.18 20.20
N GLY A 195 -2.89 -17.60 20.36
CA GLY A 195 -1.67 -18.14 19.78
C GLY A 195 -1.45 -17.84 18.31
N GLU A 196 -2.33 -17.01 17.73
CA GLU A 196 -2.20 -16.58 16.34
C GLU A 196 -2.13 -15.05 16.29
N GLU A 197 -1.49 -14.52 15.25
CA GLU A 197 -1.42 -13.08 15.05
C GLU A 197 -2.31 -12.60 13.90
N THR A 198 -2.57 -13.50 12.96
CA THR A 198 -3.38 -13.19 11.77
C THR A 198 -4.83 -13.64 11.97
N LEU A 199 -5.71 -13.19 11.07
CA LEU A 199 -7.13 -13.54 11.14
C LEU A 199 -7.45 -14.64 10.13
N ARG A 200 -8.37 -15.52 10.50
CA ARG A 200 -8.86 -16.52 9.58
C ARG A 200 -10.09 -15.97 8.86
N ILE A 201 -10.13 -16.09 7.54
CA ILE A 201 -11.27 -15.58 6.78
C ILE A 201 -12.60 -16.11 7.31
N GLU A 202 -12.65 -17.39 7.68
CA GLU A 202 -13.87 -18.00 8.19
C GLU A 202 -14.37 -17.29 9.46
N ASP A 203 -13.43 -16.88 10.32
CA ASP A 203 -13.75 -16.15 11.54
C ASP A 203 -14.28 -14.74 11.25
N ILE A 204 -13.67 -14.05 10.28
CA ILE A 204 -14.16 -12.73 9.86
C ILE A 204 -15.59 -12.83 9.33
N LEU A 205 -15.82 -13.82 8.46
CA LEU A 205 -17.13 -14.00 7.85
C LEU A 205 -18.19 -14.37 8.88
N GLU A 206 -17.79 -15.14 9.89
CA GLU A 206 -18.69 -15.50 10.99
C GLU A 206 -19.17 -14.27 11.76
N VAL A 207 -18.23 -13.38 12.09
CA VAL A 207 -18.57 -12.13 12.78
C VAL A 207 -19.54 -11.31 11.95
N ILE A 208 -19.26 -11.20 10.65
CA ILE A 208 -20.12 -10.44 9.75
C ILE A 208 -21.52 -11.05 9.70
N GLU A 209 -21.61 -12.37 9.53
CA GLU A 209 -22.90 -13.05 9.50
C GLU A 209 -23.70 -12.86 10.79
N LYS A 210 -23.01 -12.99 11.93
CA LYS A 210 -23.68 -12.92 13.23
C LYS A 210 -24.02 -11.50 13.67
N GLU A 211 -23.13 -10.54 13.37
CA GLU A 211 -23.29 -9.16 13.85
C GLU A 211 -23.64 -8.14 12.76
N GLY A 212 -23.63 -8.57 11.50
CA GLY A 212 -23.81 -7.67 10.36
C GLY A 212 -24.99 -6.72 10.38
N ASP A 213 -26.13 -7.15 10.92
CA ASP A 213 -27.33 -6.31 10.97
C ASP A 213 -27.14 -5.03 11.78
N SER A 214 -26.24 -5.09 12.76
CA SER A 214 -25.98 -3.96 13.65
C SER A 214 -24.77 -3.13 13.23
N ILE A 215 -24.12 -3.54 12.13
CA ILE A 215 -22.90 -2.89 11.65
C ILE A 215 -23.23 -1.96 10.47
N ALA A 216 -22.87 -0.68 10.62
CA ALA A 216 -23.12 0.30 9.57
C ALA A 216 -22.04 0.24 8.49
N VAL A 217 -20.79 0.18 8.92
CA VAL A 217 -19.65 0.24 8.01
C VAL A 217 -18.60 -0.76 8.46
N ILE A 218 -18.10 -1.54 7.50
CA ILE A 218 -16.91 -2.34 7.71
C ILE A 218 -15.77 -1.54 7.09
N LEU A 219 -14.73 -1.28 7.89
CA LEU A 219 -13.55 -0.58 7.40
C LEU A 219 -12.30 -1.39 7.74
N PHE A 220 -11.85 -2.17 6.77
CA PHE A 220 -10.70 -3.05 6.94
C PHE A 220 -9.51 -2.51 6.16
N SER A 221 -8.31 -2.87 6.57
CA SER A 221 -7.16 -2.67 5.71
C SER A 221 -7.23 -3.72 4.60
N GLY A 222 -6.69 -3.40 3.42
CA GLY A 222 -6.54 -4.39 2.35
C GLY A 222 -5.38 -5.31 2.66
N VAL A 223 -4.28 -4.72 3.12
CA VAL A 223 -3.12 -5.45 3.63
C VAL A 223 -2.81 -4.90 5.02
N HIS A 224 -2.65 -5.79 5.99
CA HIS A 224 -2.35 -5.34 7.34
C HIS A 224 -0.88 -4.94 7.46
N PHE A 225 -0.65 -3.74 7.97
CA PHE A 225 0.69 -3.14 8.02
C PHE A 225 1.70 -3.95 8.82
N TYR A 226 1.25 -4.60 9.89
CA TYR A 226 2.18 -5.33 10.76
CA TYR A 226 2.16 -5.33 10.78
C TYR A 226 2.31 -6.81 10.45
N THR A 227 1.19 -7.51 10.22
CA THR A 227 1.29 -8.94 9.93
C THR A 227 1.61 -9.22 8.46
N GLY A 228 1.34 -8.25 7.60
CA GLY A 228 1.45 -8.46 6.14
C GLY A 228 0.31 -9.28 5.54
N GLN A 229 -0.70 -9.60 6.34
CA GLN A 229 -1.84 -10.38 5.81
C GLN A 229 -2.59 -9.57 4.76
N HIS A 230 -2.78 -10.17 3.58
CA HIS A 230 -3.62 -9.57 2.54
C HIS A 230 -5.01 -10.20 2.65
N PHE A 231 -5.96 -9.39 3.11
CA PHE A 231 -7.33 -9.87 3.29
C PHE A 231 -8.04 -10.09 1.97
N ASN A 232 -9.00 -11.02 1.95
CA ASN A 232 -9.81 -11.29 0.76
C ASN A 232 -10.85 -10.17 0.63
N ILE A 233 -10.48 -9.13 -0.11
CA ILE A 233 -11.32 -7.95 -0.29
C ILE A 233 -12.71 -8.28 -0.88
N PRO A 234 -12.76 -8.98 -2.05
CA PRO A 234 -14.10 -9.29 -2.55
C PRO A 234 -14.98 -10.11 -1.59
N ALA A 235 -14.39 -11.03 -0.85
CA ALA A 235 -15.20 -11.88 0.06
C ALA A 235 -15.75 -11.07 1.22
N ILE A 236 -14.94 -10.18 1.78
CA ILE A 236 -15.37 -9.32 2.88
C ILE A 236 -16.45 -8.35 2.39
N THR A 237 -16.27 -7.83 1.18
CA THR A 237 -17.22 -6.89 0.56
C THR A 237 -18.59 -7.55 0.38
N LYS A 238 -18.59 -8.72 -0.24
CA LYS A 238 -19.84 -9.46 -0.46
C LYS A 238 -20.53 -9.85 0.85
N ALA A 239 -19.75 -10.32 1.83
CA ALA A 239 -20.33 -10.73 3.12
C ALA A 239 -20.96 -9.54 3.85
N GLY A 240 -20.26 -8.41 3.89
CA GLY A 240 -20.80 -7.20 4.50
C GLY A 240 -22.05 -6.72 3.81
N GLN A 241 -22.01 -6.62 2.49
CA GLN A 241 -23.16 -6.14 1.72
C GLN A 241 -24.38 -7.05 1.84
N ALA A 242 -24.15 -8.35 2.00
CA ALA A 242 -25.23 -9.31 2.19
C ALA A 242 -26.04 -8.98 3.45
N LYS A 243 -25.37 -8.37 4.42
CA LYS A 243 -25.99 -7.98 5.70
C LYS A 243 -26.41 -6.50 5.75
N GLY A 244 -26.26 -5.81 4.62
CA GLY A 244 -26.64 -4.40 4.52
C GLY A 244 -25.60 -3.40 5.00
N CYS A 245 -24.37 -3.86 5.23
CA CYS A 245 -23.27 -2.98 5.60
C CYS A 245 -22.64 -2.31 4.37
N TYR A 246 -22.11 -1.10 4.55
CA TYR A 246 -21.17 -0.55 3.58
C TYR A 246 -19.82 -1.16 3.91
N VAL A 247 -19.00 -1.41 2.89
CA VAL A 247 -17.69 -1.99 3.10
C VAL A 247 -16.66 -1.13 2.38
N GLY A 248 -15.71 -0.62 3.16
CA GLY A 248 -14.63 0.20 2.64
C GLY A 248 -13.28 -0.31 3.10
N PHE A 249 -12.22 0.09 2.42
CA PHE A 249 -10.89 -0.38 2.75
C PHE A 249 -9.86 0.73 2.77
N ASP A 250 -8.96 0.66 3.75
CA ASP A 250 -7.73 1.43 3.71
C ASP A 250 -6.69 0.60 2.96
N LEU A 251 -6.39 1.04 1.74
CA LEU A 251 -5.50 0.30 0.86
C LEU A 251 -4.06 0.81 0.84
N ALA A 252 -3.64 1.43 1.95
CA ALA A 252 -2.28 1.97 2.12
C ALA A 252 -1.19 0.97 1.75
N HIS A 253 -1.37 -0.27 2.20
CA HIS A 253 -0.39 -1.32 1.93
C HIS A 253 -0.75 -2.23 0.77
N ALA A 254 -1.85 -1.92 0.08
CA ALA A 254 -2.32 -2.74 -1.04
C ALA A 254 -2.04 -2.10 -2.39
N VAL A 255 -2.30 -0.80 -2.51
CA VAL A 255 -2.19 -0.14 -3.82
CA VAL A 255 -2.17 -0.14 -3.81
C VAL A 255 -0.71 -0.19 -4.26
N GLY A 256 -0.50 -0.61 -5.50
CA GLY A 256 0.86 -0.73 -6.05
C GLY A 256 1.60 -1.98 -5.56
N ASN A 257 0.88 -2.86 -4.87
CA ASN A 257 1.46 -4.06 -4.26
C ASN A 257 0.71 -5.30 -4.76
N VAL A 258 -0.55 -5.40 -4.39
CA VAL A 258 -1.42 -6.49 -4.86
C VAL A 258 -2.34 -5.95 -5.95
N GLU A 259 -2.89 -6.84 -6.76
CA GLU A 259 -3.81 -6.42 -7.81
C GLU A 259 -5.18 -6.07 -7.19
N LEU A 260 -5.82 -5.04 -7.74
CA LEU A 260 -7.09 -4.55 -7.19
C LEU A 260 -8.12 -4.36 -8.28
N TYR A 261 -9.36 -4.71 -7.97
CA TYR A 261 -10.48 -4.52 -8.89
C TYR A 261 -11.66 -3.92 -8.12
N LEU A 262 -11.49 -2.68 -7.64
CA LEU A 262 -12.46 -2.10 -6.71
C LEU A 262 -13.86 -2.00 -7.32
N HIS A 263 -13.95 -1.55 -8.56
CA HIS A 263 -15.23 -1.45 -9.25
C HIS A 263 -15.91 -2.83 -9.43
N ASP A 264 -15.19 -3.76 -10.07
CA ASP A 264 -15.77 -5.07 -10.38
C ASP A 264 -16.14 -5.87 -9.13
N TRP A 265 -15.35 -5.71 -8.07
CA TRP A 265 -15.63 -6.33 -6.77
C TRP A 265 -16.82 -5.68 -6.04
N GLY A 266 -17.19 -4.47 -6.47
CA GLY A 266 -18.30 -3.73 -5.88
C GLY A 266 -18.00 -3.12 -4.52
N VAL A 267 -16.71 -2.92 -4.25
CA VAL A 267 -16.28 -2.21 -3.03
C VAL A 267 -16.98 -0.86 -2.95
N ASP A 268 -17.50 -0.48 -1.77
CA ASP A 268 -18.23 0.78 -1.65
C ASP A 268 -17.34 2.02 -1.74
N PHE A 269 -16.23 1.99 -1.01
CA PHE A 269 -15.28 3.10 -1.02
C PHE A 269 -13.92 2.63 -0.54
N ALA A 270 -12.90 3.43 -0.79
CA ALA A 270 -11.55 3.10 -0.33
C ALA A 270 -10.68 4.33 -0.30
N CYS A 271 -9.55 4.24 0.40
CA CYS A 271 -8.59 5.32 0.38
C CYS A 271 -7.19 4.73 0.46
N TRP A 272 -6.20 5.53 0.10
CA TRP A 272 -4.81 5.05 0.11
C TRP A 272 -3.84 6.23 0.14
N CYS A 273 -2.59 5.93 0.46
CA CYS A 273 -1.52 6.91 0.42
C CYS A 273 -0.65 6.65 -0.82
N SER A 274 0.26 7.57 -1.15
CA SER A 274 1.03 7.44 -2.40
C SER A 274 2.53 7.27 -2.17
N TYR A 275 2.97 7.30 -0.92
CA TYR A 275 4.40 7.34 -0.63
C TYR A 275 4.99 5.99 -0.22
N LYS A 276 4.15 4.97 -0.20
CA LYS A 276 4.59 3.64 0.09
C LYS A 276 4.94 2.94 -1.24
N TYR A 277 4.19 1.92 -1.65
CA TYR A 277 4.50 1.23 -2.92
C TYR A 277 4.41 2.16 -4.12
N LEU A 278 3.65 3.25 -4.00
CA LEU A 278 3.49 4.18 -5.12
C LEU A 278 4.61 5.23 -5.26
N ASN A 279 5.59 5.21 -4.35
CA ASN A 279 6.88 5.89 -4.55
C ASN A 279 6.82 7.40 -4.79
N ALA A 280 5.81 8.06 -4.24
CA ALA A 280 5.58 9.47 -4.57
C ALA A 280 6.31 10.47 -3.69
N GLY A 281 6.92 10.02 -2.60
CA GLY A 281 7.63 10.91 -1.69
C GLY A 281 6.82 11.25 -0.46
N ALA A 282 7.53 11.45 0.66
CA ALA A 282 6.91 11.62 1.98
C ALA A 282 5.72 12.58 1.99
N GLY A 283 4.60 12.10 2.53
CA GLY A 283 3.38 12.92 2.67
C GLY A 283 2.72 13.29 1.34
N GLY A 284 2.96 12.47 0.32
CA GLY A 284 2.47 12.76 -1.03
C GLY A 284 0.95 12.79 -1.14
N ILE A 285 0.46 13.23 -2.30
CA ILE A 285 -0.98 13.39 -2.50
C ILE A 285 -1.67 12.02 -2.43
N ALA A 286 -2.75 11.93 -1.65
CA ALA A 286 -3.40 10.65 -1.39
C ALA A 286 -4.52 10.33 -2.38
N GLY A 287 -5.21 9.22 -2.14
CA GLY A 287 -6.25 8.76 -3.05
C GLY A 287 -7.52 8.36 -2.35
N ALA A 288 -8.62 8.44 -3.09
CA ALA A 288 -9.93 8.01 -2.62
C ALA A 288 -10.69 7.38 -3.78
N PHE A 289 -11.50 6.38 -3.47
CA PHE A 289 -12.34 5.72 -4.46
C PHE A 289 -13.75 5.66 -3.88
N ILE A 290 -14.75 5.97 -4.70
CA ILE A 290 -16.15 5.64 -4.37
C ILE A 290 -16.74 4.99 -5.60
N HIS A 291 -17.37 3.84 -5.40
CA HIS A 291 -18.03 3.13 -6.48
C HIS A 291 -19.07 4.02 -7.15
N GLU A 292 -19.09 4.01 -8.48
CA GLU A 292 -20.05 4.84 -9.23
C GLU A 292 -21.52 4.58 -8.88
N LYS A 293 -21.83 3.40 -8.35
CA LYS A 293 -23.20 3.07 -7.94
C LYS A 293 -23.75 4.04 -6.87
N HIS A 294 -22.83 4.71 -6.16
CA HIS A 294 -23.19 5.67 -5.12
C HIS A 294 -23.23 7.13 -5.57
N ALA A 295 -22.96 7.39 -6.85
CA ALA A 295 -22.72 8.77 -7.33
C ALA A 295 -23.86 9.77 -7.08
N HIS A 296 -25.09 9.27 -7.03
CA HIS A 296 -26.23 10.16 -6.87
C HIS A 296 -26.91 10.04 -5.50
N THR A 297 -26.44 9.09 -4.70
CA THR A 297 -27.08 8.79 -3.43
C THR A 297 -26.22 9.12 -2.21
N ILE A 298 -24.90 8.93 -2.34
CA ILE A 298 -23.97 9.26 -1.27
C ILE A 298 -23.33 10.60 -1.62
N LYS A 299 -23.67 11.63 -0.85
CA LYS A 299 -23.20 12.99 -1.12
C LYS A 299 -22.08 13.37 -0.15
N PRO A 300 -21.15 14.25 -0.58
CA PRO A 300 -20.12 14.72 0.35
C PRO A 300 -20.74 15.39 1.56
N ALA A 301 -20.17 15.14 2.74
CA ALA A 301 -20.59 15.83 3.95
C ALA A 301 -19.99 17.23 4.02
N LEU A 302 -18.72 17.34 3.61
CA LEU A 302 -18.01 18.62 3.61
C LEU A 302 -17.71 19.05 2.18
N VAL A 303 -18.13 20.26 1.83
CA VAL A 303 -18.03 20.75 0.45
C VAL A 303 -17.11 21.96 0.37
N GLY A 304 -16.38 22.05 -0.73
CA GLY A 304 -15.59 23.23 -1.06
C GLY A 304 -15.76 23.49 -2.54
N TRP A 305 -15.14 24.57 -3.02
CA TRP A 305 -15.35 24.98 -4.40
C TRP A 305 -14.84 23.99 -5.45
N PHE A 306 -13.88 23.14 -5.10
CA PHE A 306 -13.40 22.17 -6.09
C PHE A 306 -14.29 20.92 -6.25
N GLY A 307 -15.41 20.90 -5.53
CA GLY A 307 -16.46 19.90 -5.75
C GLY A 307 -17.52 20.42 -6.71
N HIS A 308 -17.42 21.71 -7.05
CA HIS A 308 -18.33 22.36 -8.01
C HIS A 308 -17.82 22.08 -9.42
N GLU A 309 -18.72 21.69 -10.32
CA GLU A 309 -18.39 21.40 -11.72
C GLU A 309 -17.44 22.44 -12.33
N LEU A 310 -16.40 21.97 -13.00
CA LEU A 310 -15.40 22.87 -13.58
C LEU A 310 -16.00 23.93 -14.51
N SER A 311 -17.02 23.55 -15.29
CA SER A 311 -17.59 24.42 -16.32
C SER A 311 -18.13 25.75 -15.79
N THR A 312 -18.60 25.77 -14.55
CA THR A 312 -19.17 26.98 -13.95
C THR A 312 -18.50 27.41 -12.64
N ARG A 313 -17.49 26.65 -12.18
CA ARG A 313 -16.83 26.92 -10.91
C ARG A 313 -16.34 28.36 -10.79
N PHE A 314 -15.76 28.89 -11.87
CA PHE A 314 -15.11 30.20 -11.82
C PHE A 314 -16.02 31.40 -12.08
N LYS A 315 -17.30 31.12 -12.31
CA LYS A 315 -18.32 32.16 -12.33
C LYS A 315 -18.45 32.79 -10.96
N MET A 316 -18.16 31.97 -9.93
CA MET A 316 -18.17 32.38 -8.53
C MET A 316 -19.49 33.05 -8.13
N ASP A 317 -20.60 32.42 -8.51
CA ASP A 317 -21.93 32.93 -8.22
C ASP A 317 -22.53 32.31 -6.95
N ASN A 318 -21.74 31.45 -6.29
CA ASN A 318 -22.14 30.79 -5.04
C ASN A 318 -23.38 29.89 -5.17
N LYS A 319 -23.63 29.40 -6.38
CA LYS A 319 -24.72 28.46 -6.64
C LYS A 319 -24.13 27.09 -6.92
N LEU A 320 -23.98 26.29 -5.88
CA LEU A 320 -23.30 24.98 -5.98
C LEU A 320 -23.88 24.07 -7.08
N GLN A 321 -22.99 23.57 -7.94
CA GLN A 321 -23.34 22.52 -8.91
C GLN A 321 -22.41 21.33 -8.64
N LEU A 322 -22.87 20.43 -7.79
CA LEU A 322 -22.01 19.38 -7.26
C LEU A 322 -21.67 18.30 -8.30
N ILE A 323 -20.39 17.98 -8.41
CA ILE A 323 -19.93 16.87 -9.24
C ILE A 323 -20.37 15.54 -8.61
N PRO A 324 -21.09 14.70 -9.37
CA PRO A 324 -21.48 13.39 -8.83
C PRO A 324 -20.26 12.51 -8.54
N GLY A 325 -20.36 11.72 -7.47
CA GLY A 325 -19.30 10.76 -7.16
C GLY A 325 -18.15 11.39 -6.40
N VAL A 326 -17.02 10.70 -6.40
CA VAL A 326 -15.92 11.05 -5.49
C VAL A 326 -15.34 12.46 -5.73
N CYS A 327 -15.42 12.97 -6.95
CA CYS A 327 -14.88 14.31 -7.19
C CYS A 327 -15.70 15.40 -6.49
N GLY A 328 -16.94 15.09 -6.14
CA GLY A 328 -17.75 15.98 -5.31
C GLY A 328 -17.19 16.12 -3.89
N PHE A 329 -16.35 15.17 -3.49
CA PHE A 329 -15.73 15.15 -2.16
C PHE A 329 -14.42 15.93 -2.15
N ARG A 330 -13.97 16.36 -3.33
CA ARG A 330 -12.76 17.18 -3.46
C ARG A 330 -13.09 18.60 -3.06
N ILE A 331 -12.38 19.10 -2.05
CA ILE A 331 -12.71 20.36 -1.40
C ILE A 331 -11.91 21.53 -1.99
N SER A 332 -10.60 21.34 -2.13
CA SER A 332 -9.67 22.43 -2.45
C SER A 332 -8.91 22.21 -3.75
N ASN A 333 -8.31 23.28 -4.27
CA ASN A 333 -7.49 23.17 -5.48
C ASN A 333 -6.26 22.26 -5.22
N PRO A 334 -5.88 21.42 -6.20
CA PRO A 334 -4.88 20.38 -5.94
C PRO A 334 -3.42 20.85 -5.99
N PRO A 335 -2.55 20.28 -5.13
CA PRO A 335 -1.14 20.68 -5.08
C PRO A 335 -0.33 20.16 -6.28
N ILE A 336 0.01 21.06 -7.20
CA ILE A 336 0.74 20.65 -8.40
C ILE A 336 2.07 19.94 -8.10
N LEU A 337 2.82 20.41 -7.11
CA LEU A 337 4.12 19.78 -6.83
C LEU A 337 3.99 18.32 -6.42
N LEU A 338 2.92 17.99 -5.70
CA LEU A 338 2.63 16.61 -5.31
C LEU A 338 2.15 15.79 -6.52
N VAL A 339 1.32 16.42 -7.35
CA VAL A 339 0.93 15.78 -8.62
C VAL A 339 2.18 15.37 -9.42
N CYS A 340 3.17 16.27 -9.50
CA CYS A 340 4.41 15.99 -10.25
C CYS A 340 5.13 14.70 -9.83
N SER A 341 5.36 14.55 -8.54
CA SER A 341 6.13 13.42 -8.05
C SER A 341 5.35 12.12 -8.25
N LEU A 342 4.05 12.16 -7.96
CA LEU A 342 3.20 10.98 -8.17
C LEU A 342 3.19 10.60 -9.66
N HIS A 343 3.04 11.59 -10.54
CA HIS A 343 3.03 11.37 -11.99
C HIS A 343 4.27 10.60 -12.45
N ALA A 344 5.45 11.04 -12.00
CA ALA A 344 6.70 10.33 -12.34
C ALA A 344 6.63 8.83 -11.99
N SER A 345 6.11 8.54 -10.80
CA SER A 345 5.94 7.16 -10.38
C SER A 345 4.95 6.40 -11.26
N LEU A 346 3.79 7.02 -11.50
CA LEU A 346 2.71 6.32 -12.21
C LEU A 346 3.04 6.01 -13.67
N GLU A 347 3.89 6.82 -14.29
CA GLU A 347 4.38 6.49 -15.64
C GLU A 347 5.17 5.18 -15.64
N ILE A 348 5.94 4.95 -14.57
CA ILE A 348 6.70 3.71 -14.40
C ILE A 348 5.76 2.52 -14.22
N PHE A 349 4.77 2.67 -13.34
CA PHE A 349 3.75 1.62 -13.17
C PHE A 349 3.03 1.31 -14.48
N LYS A 350 2.79 2.34 -15.28
CA LYS A 350 2.14 2.14 -16.58
C LYS A 350 2.94 1.20 -17.46
N GLN A 351 4.26 1.43 -17.52
CA GLN A 351 5.16 0.61 -18.33
C GLN A 351 5.29 -0.80 -17.79
N ALA A 352 5.37 -0.93 -16.47
CA ALA A 352 5.61 -2.23 -15.82
C ALA A 352 4.37 -3.11 -15.82
N THR A 353 3.23 -2.49 -15.51
CA THR A 353 1.92 -3.14 -15.29
C THR A 353 1.86 -3.86 -13.95
N MET A 354 0.74 -3.70 -13.25
CA MET A 354 0.50 -4.42 -12.00
C MET A 354 0.51 -5.94 -12.20
N LYS A 355 0.00 -6.40 -13.34
CA LYS A 355 0.01 -7.83 -13.63
C LYS A 355 1.43 -8.41 -13.54
N ALA A 356 2.36 -7.78 -14.25
CA ALA A 356 3.75 -8.25 -14.28
C ALA A 356 4.46 -8.04 -12.94
N LEU A 357 4.17 -6.92 -12.29
CA LEU A 357 4.75 -6.62 -10.99
C LEU A 357 4.32 -7.64 -9.93
N ARG A 358 3.03 -7.96 -9.91
CA ARG A 358 2.51 -8.93 -8.96
C ARG A 358 3.10 -10.32 -9.23
N LYS A 359 3.25 -10.67 -10.50
CA LYS A 359 3.84 -11.95 -10.88
C LYS A 359 5.28 -12.05 -10.36
N LYS A 360 6.06 -10.99 -10.53
CA LYS A 360 7.42 -10.97 -9.98
C LYS A 360 7.41 -11.04 -8.45
N SER A 361 6.53 -10.26 -7.82
CA SER A 361 6.42 -10.26 -6.36
C SER A 361 6.17 -11.65 -5.77
N VAL A 362 5.24 -12.40 -6.36
CA VAL A 362 4.96 -13.76 -5.90
C VAL A 362 6.23 -14.60 -5.88
N LEU A 363 7.01 -14.52 -6.96
CA LEU A 363 8.23 -15.30 -7.07
C LEU A 363 9.33 -14.76 -6.16
N LEU A 364 9.43 -13.43 -6.06
CA LEU A 364 10.46 -12.77 -5.26
C LEU A 364 10.27 -13.01 -3.74
N THR A 365 9.08 -12.74 -3.24
CA THR A 365 8.75 -12.99 -1.84
C THR A 365 8.73 -14.50 -1.56
N GLY A 366 8.27 -15.28 -2.54
CA GLY A 366 8.28 -16.74 -2.44
C GLY A 366 9.70 -17.28 -2.29
N TYR A 367 10.63 -16.69 -3.03
CA TYR A 367 12.04 -17.06 -2.96
C TYR A 367 12.64 -16.71 -1.59
N LEU A 368 12.35 -15.51 -1.10
CA LEU A 368 12.74 -15.11 0.26
C LEU A 368 12.26 -16.11 1.31
N GLU A 369 10.97 -16.44 1.23
CA GLU A 369 10.36 -17.40 2.14
C GLU A 369 11.05 -18.75 2.05
N TYR A 370 11.32 -19.18 0.83
CA TYR A 370 11.98 -20.46 0.60
C TYR A 370 13.35 -20.52 1.29
N LEU A 371 14.17 -19.49 1.08
CA LEU A 371 15.50 -19.45 1.67
C LEU A 371 15.45 -19.40 3.19
N ILE A 372 14.54 -18.60 3.74
CA ILE A 372 14.32 -18.53 5.19
C ILE A 372 13.92 -19.89 5.77
N LYS A 373 12.93 -20.52 5.15
CA LYS A 373 12.42 -21.81 5.62
C LYS A 373 13.44 -22.93 5.51
N HIS A 374 14.27 -22.88 4.48
CA HIS A 374 15.27 -23.92 4.27
C HIS A 374 16.38 -23.83 5.32
N ASN A 375 16.90 -22.63 5.54
CA ASN A 375 18.01 -22.41 6.45
C ASN A 375 17.61 -22.51 7.92
N TYR A 376 16.37 -22.15 8.22
CA TYR A 376 15.86 -22.14 9.60
C TYR A 376 14.39 -22.57 9.68
N GLY A 377 14.14 -23.85 9.39
CA GLY A 377 12.79 -24.42 9.43
C GLY A 377 12.63 -25.44 10.54
N VAL A 387 13.35 -21.13 15.64
CA VAL A 387 14.22 -19.97 15.74
C VAL A 387 13.73 -18.79 14.88
N VAL A 388 13.22 -19.10 13.69
CA VAL A 388 12.74 -18.08 12.76
C VAL A 388 11.31 -18.40 12.35
N ASN A 389 10.39 -17.46 12.63
CA ASN A 389 8.99 -17.66 12.34
C ASN A 389 8.45 -16.60 11.41
N ILE A 390 7.84 -17.02 10.30
CA ILE A 390 7.15 -16.09 9.41
C ILE A 390 5.70 -16.00 9.87
N ILE A 391 5.33 -14.79 10.32
CA ILE A 391 3.96 -14.50 10.79
C ILE A 391 2.98 -14.36 9.64
N THR A 392 3.48 -13.80 8.53
CA THR A 392 2.68 -13.54 7.33
C THR A 392 2.11 -14.86 6.79
N PRO A 393 0.82 -14.84 6.35
CA PRO A 393 0.24 -16.07 5.81
C PRO A 393 1.09 -16.69 4.70
N SER A 394 1.11 -18.02 4.68
CA SER A 394 1.94 -18.76 3.72
C SER A 394 1.32 -18.85 2.33
N HIS A 395 -0.01 -18.82 2.25
CA HIS A 395 -0.68 -18.92 0.93
C HIS A 395 -0.31 -17.72 0.07
N VAL A 396 0.13 -18.00 -1.16
CA VAL A 396 0.63 -16.93 -2.06
C VAL A 396 -0.37 -15.80 -2.30
N GLU A 397 -1.66 -16.12 -2.27
CA GLU A 397 -2.71 -15.12 -2.50
C GLU A 397 -3.09 -14.33 -1.24
N GLU A 398 -2.53 -14.72 -0.10
CA GLU A 398 -2.88 -14.12 1.18
C GLU A 398 -1.80 -13.17 1.74
N ARG A 399 -0.88 -12.77 0.88
CA ARG A 399 0.13 -11.76 1.22
C ARG A 399 0.62 -11.02 -0.02
N GLY A 400 1.23 -9.86 0.20
CA GLY A 400 1.87 -9.07 -0.87
C GLY A 400 3.38 -9.20 -0.79
N CYS A 401 4.09 -8.10 -1.05
CA CYS A 401 5.57 -8.11 -0.98
C CYS A 401 6.11 -8.46 0.42
N GLN A 402 5.44 -7.95 1.44
CA GLN A 402 5.95 -7.94 2.81
C GLN A 402 5.85 -9.28 3.51
N LEU A 403 6.94 -9.66 4.17
CA LEU A 403 6.93 -10.71 5.18
C LEU A 403 7.29 -10.12 6.52
N THR A 404 6.56 -10.53 7.56
CA THR A 404 6.88 -10.18 8.93
C THR A 404 7.46 -11.42 9.59
N ILE A 405 8.64 -11.27 10.20
CA ILE A 405 9.41 -12.39 10.72
C ILE A 405 9.78 -12.15 12.17
N THR A 406 9.63 -13.17 13.02
CA THR A 406 10.08 -13.08 14.41
C THR A 406 11.20 -14.07 14.68
N PHE A 407 12.02 -13.76 15.67
CA PHE A 407 13.18 -14.59 16.00
C PHE A 407 13.18 -14.95 17.48
N SER A 408 13.77 -16.10 17.79
CA SER A 408 13.97 -16.52 19.17
C SER A 408 15.47 -16.65 19.47
N VAL A 409 16.14 -15.50 19.55
CA VAL A 409 17.54 -15.43 19.96
C VAL A 409 17.72 -14.40 21.08
N PRO A 410 17.98 -14.88 22.32
CA PRO A 410 18.09 -14.01 23.49
C PRO A 410 19.32 -13.11 23.47
N ASN A 411 20.37 -13.55 22.77
CA ASN A 411 21.65 -12.85 22.76
C ASN A 411 21.80 -11.83 21.62
N LYS A 412 20.86 -11.83 20.68
CA LYS A 412 20.99 -11.01 19.47
C LYS A 412 19.80 -10.10 19.17
N ASP A 413 20.09 -8.83 18.90
CA ASP A 413 19.13 -7.92 18.30
C ASP A 413 19.34 -8.01 16.79
N VAL A 414 18.51 -8.80 16.14
CA VAL A 414 18.65 -9.09 14.71
C VAL A 414 18.49 -7.82 13.86
N PHE A 415 17.53 -6.98 14.23
CA PHE A 415 17.30 -5.72 13.51
C PHE A 415 18.53 -4.82 13.50
N GLN A 416 19.13 -4.61 14.68
CA GLN A 416 20.31 -3.77 14.80
C GLN A 416 21.47 -4.30 13.98
N GLU A 417 21.63 -5.62 13.96
CA GLU A 417 22.70 -6.27 13.21
C GLU A 417 22.49 -6.18 11.70
N LEU A 418 21.23 -6.24 11.28
CA LEU A 418 20.88 -6.05 9.87
C LEU A 418 21.13 -4.62 9.37
N GLU A 419 20.69 -3.62 10.15
CA GLU A 419 20.83 -2.22 9.72
C GLU A 419 22.28 -1.75 9.67
N LYS A 420 23.12 -2.29 10.57
CA LYS A 420 24.56 -2.04 10.58
C LYS A 420 25.23 -2.52 9.29
N ARG A 421 24.58 -3.46 8.61
CA ARG A 421 25.11 -4.07 7.39
C ARG A 421 24.43 -3.59 6.11
N GLY A 422 23.61 -2.55 6.24
CA GLY A 422 23.02 -1.88 5.07
C GLY A 422 21.72 -2.51 4.58
N VAL A 423 21.10 -3.32 5.43
CA VAL A 423 19.74 -3.80 5.16
C VAL A 423 18.78 -2.80 5.76
N VAL A 424 17.89 -2.25 4.94
CA VAL A 424 16.91 -1.27 5.41
C VAL A 424 15.55 -1.95 5.51
N CYS A 425 15.09 -2.09 6.74
CA CYS A 425 13.81 -2.71 7.04
C CYS A 425 13.22 -2.07 8.29
N ASP A 426 12.10 -2.62 8.77
CA ASP A 426 11.39 -2.10 9.92
C ASP A 426 11.45 -3.08 11.09
N LYS A 427 11.43 -2.57 12.31
CA LYS A 427 11.45 -3.45 13.48
C LYS A 427 10.08 -3.55 14.16
N ARG A 428 9.76 -4.78 14.54
CA ARG A 428 8.82 -4.78 15.84
CA ARG A 428 8.94 -5.03 15.73
C ARG A 428 9.29 -5.83 16.95
N ASN A 429 9.00 -5.34 18.16
CA ASN A 429 9.38 -6.06 19.37
C ASN A 429 8.71 -7.42 19.53
N PRO A 430 9.31 -8.33 20.33
CA PRO A 430 10.59 -8.17 21.04
C PRO A 430 11.81 -8.29 20.12
N ASN A 431 11.74 -9.19 19.14
CA ASN A 431 12.87 -9.50 18.26
C ASN A 431 12.35 -9.97 16.90
N GLY A 432 11.79 -9.02 16.14
CA GLY A 432 11.23 -9.30 14.82
C GLY A 432 11.44 -8.18 13.82
N ILE A 433 11.11 -8.44 12.56
CA ILE A 433 11.34 -7.49 11.47
C ILE A 433 10.25 -7.55 10.40
N ARG A 434 10.01 -6.44 9.70
CA ARG A 434 9.19 -6.36 8.51
CA ARG A 434 9.22 -6.44 8.49
C ARG A 434 10.17 -6.21 7.34
N VAL A 435 10.06 -7.05 6.34
CA VAL A 435 10.84 -6.88 5.11
C VAL A 435 9.91 -6.96 3.90
N ALA A 436 10.08 -6.05 2.95
CA ALA A 436 9.23 -6.03 1.77
C ALA A 436 10.02 -5.78 0.50
N PRO A 437 10.57 -6.84 -0.10
CA PRO A 437 11.24 -6.70 -1.39
C PRO A 437 10.17 -6.33 -2.41
N VAL A 438 10.40 -5.26 -3.17
CA VAL A 438 9.40 -4.83 -4.15
C VAL A 438 9.88 -5.10 -5.59
N PRO A 439 8.96 -5.52 -6.47
CA PRO A 439 9.38 -5.92 -7.82
C PRO A 439 9.94 -4.80 -8.70
N LEU A 440 9.54 -3.54 -8.48
CA LEU A 440 10.07 -2.47 -9.34
C LEU A 440 11.58 -2.33 -9.24
N TYR A 441 12.13 -2.43 -8.03
CA TYR A 441 13.55 -2.11 -7.86
C TYR A 441 14.36 -3.03 -6.96
N ASN A 442 13.75 -4.08 -6.44
CA ASN A 442 14.51 -5.12 -5.74
C ASN A 442 14.73 -6.32 -6.63
N SER A 443 15.87 -6.97 -6.43
CA SER A 443 16.27 -8.12 -7.25
C SER A 443 16.22 -9.40 -6.44
N PHE A 444 16.27 -10.52 -7.15
CA PHE A 444 16.43 -11.82 -6.50
C PHE A 444 17.77 -11.91 -5.77
N HIS A 445 18.80 -11.29 -6.34
CA HIS A 445 20.09 -11.20 -5.69
C HIS A 445 20.01 -10.44 -4.36
N ASP A 446 19.21 -9.38 -4.30
CA ASP A 446 18.94 -8.70 -3.03
C ASP A 446 18.47 -9.69 -1.97
N VAL A 447 17.51 -10.52 -2.34
CA VAL A 447 16.95 -11.52 -1.43
C VAL A 447 18.05 -12.51 -1.00
N TYR A 448 18.84 -12.99 -1.96
CA TYR A 448 19.93 -13.92 -1.65
C TYR A 448 20.90 -13.30 -0.63
N LYS A 449 21.33 -12.06 -0.92
CA LYS A 449 22.26 -11.36 -0.05
C LYS A 449 21.69 -11.18 1.36
N PHE A 450 20.42 -10.77 1.41
CA PHE A 450 19.74 -10.56 2.70
C PHE A 450 19.76 -11.82 3.54
N THR A 451 19.39 -12.95 2.93
CA THR A 451 19.25 -14.19 3.70
C THR A 451 20.59 -14.69 4.22
N ASN A 452 21.65 -14.44 3.44
CA ASN A 452 22.99 -14.80 3.87
C ASN A 452 23.53 -13.92 4.99
N LEU A 453 23.16 -12.63 4.98
CA LEU A 453 23.46 -11.75 6.09
C LEU A 453 22.72 -12.20 7.35
N LEU A 454 21.44 -12.57 7.17
CA LEU A 454 20.61 -13.06 8.27
C LEU A 454 21.16 -14.34 8.90
N THR A 455 21.46 -15.32 8.04
CA THR A 455 22.07 -16.59 8.46
C THR A 455 23.33 -16.36 9.29
N SER A 456 24.19 -15.47 8.80
CA SER A 456 25.44 -15.14 9.46
C SER A 456 25.21 -14.51 10.84
N ILE A 457 24.18 -13.67 10.95
CA ILE A 457 23.81 -13.03 12.21
C ILE A 457 23.29 -14.07 13.22
N LEU A 458 22.38 -14.93 12.76
CA LEU A 458 21.76 -15.92 13.64
C LEU A 458 22.73 -16.99 14.15
N ASP A 459 23.70 -17.34 13.32
CA ASP A 459 24.76 -18.28 13.71
C ASP A 459 25.78 -17.67 14.67
N SER A 460 25.62 -16.36 14.92
CA SER A 460 26.52 -15.58 15.78
C SER A 460 27.92 -15.43 15.18
N1 PLP B . -3.22 4.02 7.57
C2 PLP B . -2.54 2.91 7.12
C2A PLP B . -3.23 1.58 7.09
C3 PLP B . -1.22 3.02 6.69
O3 PLP B . -0.52 1.90 6.36
C4 PLP B . -0.59 4.25 6.72
C4A PLP B . 0.85 4.37 6.31
C5 PLP B . -1.28 5.38 7.17
C6 PLP B . -2.59 5.25 7.60
C5A PLP B . -0.60 6.73 7.20
O4P PLP B . -1.55 7.73 7.45
P PLP B . -1.41 9.18 6.75
O1P PLP B . -2.75 9.85 6.69
O2P PLP B . -0.85 9.03 5.36
O3P PLP B . -0.46 10.01 7.59
O11 3XH C . 5.18 1.90 7.14
C10 3XH C . 4.05 1.77 7.66
O12 3XH C . 3.44 0.69 7.72
C9 3XH C . 3.38 2.97 8.29
N8 3XH C . 4.29 4.10 8.49
C7 3XH C . 4.37 5.19 7.74
O14 3XH C . 3.66 5.36 6.76
C6 3XH C . 5.34 6.25 8.13
C5 3XH C . 6.58 5.97 8.72
C4 3XH C . 7.43 7.01 9.08
C3 3XH C . 7.05 8.32 8.88
C2 3XH C . 5.81 8.62 8.30
O13 3XH C . 5.42 9.90 8.09
C1 3XH C . 4.96 7.59 7.93
#